data_8XJ9
#
_entry.id   8XJ9
#
_cell.length_a   73.700
_cell.length_b   54.840
_cell.length_c   51.700
_cell.angle_alpha   90.00
_cell.angle_beta   113.90
_cell.angle_gamma   90.00
#
_symmetry.space_group_name_H-M   'C 1 2 1'
#
loop_
_entity.id
_entity.type
_entity.pdbx_description
1 polymer 'GCN5-related N-acetyltransferase 8'
2 non-polymer 'TRIETHYLENE GLYCOL'
3 non-polymer DI(HYDROXYETHYL)ETHER
4 water water
#
_entity_poly.entity_id   1
_entity_poly.type   'polypeptide(L)'
_entity_poly.pdbx_seq_one_letter_code
;GPLGSMFSRIRLATPSDVPFIHKLIHQMAVFERLTHLFSATESGLASTLFTSRPFQSFTVFLLEVSRSPFPATITSSPSP
DFTPFFKTHNLDLPIDDPESYNFSPDMLNDVVVAGFVLFFPNYSSFLSKPGFYIEDIFVREPYRRKGFGSMLLTAVAKQA
VKMGYGRVEWVVLDWNVNAIKFYEQMGAQILQEWRVCRLTGDALEAFDQVNI
;
_entity_poly.pdbx_strand_id   A
#
loop_
_chem_comp.id
_chem_comp.type
_chem_comp.name
_chem_comp.formula
PEG non-polymer DI(HYDROXYETHYL)ETHER 'C4 H10 O3'
PGE non-polymer 'TRIETHYLENE GLYCOL' 'C6 H14 O4'
#
# COMPACT_ATOMS: atom_id res chain seq x y z
N SER A 5 13.31 18.96 11.89
CA SER A 5 12.24 17.94 11.81
C SER A 5 11.96 17.53 10.37
N MET A 6 11.49 16.30 10.18
CA MET A 6 10.84 15.91 8.94
C MET A 6 9.43 15.50 9.32
N PHE A 7 8.48 16.14 8.66
CA PHE A 7 7.08 15.87 8.87
C PHE A 7 6.66 14.82 7.86
N SER A 8 5.74 13.94 8.27
CA SER A 8 5.16 12.93 7.42
C SER A 8 3.64 12.91 7.57
N ARG A 9 3.03 12.50 6.47
CA ARG A 9 1.55 12.37 6.40
C ARG A 9 1.24 11.17 5.54
N ILE A 10 0.17 10.43 5.92
CA ILE A 10 -0.38 9.37 5.12
C ILE A 10 -1.82 9.75 4.72
N ARG A 11 -2.05 9.74 3.42
CA ARG A 11 -3.34 10.17 2.83
C ARG A 11 -3.83 9.11 1.83
N LEU A 12 -5.08 9.28 1.39
CA LEU A 12 -5.59 8.48 0.29
C LEU A 12 -5.09 8.95 -1.05
N ALA A 13 -4.70 8.01 -1.91
CA ALA A 13 -4.43 8.27 -3.29
C ALA A 13 -5.70 8.50 -4.09
N THR A 14 -5.62 9.35 -5.10
CA THR A 14 -6.66 9.62 -6.03
C THR A 14 -6.09 9.46 -7.44
N PRO A 15 -6.90 9.54 -8.50
CA PRO A 15 -6.40 9.25 -9.85
C PRO A 15 -5.20 10.11 -10.27
N SER A 16 -5.13 11.37 -9.86
CA SER A 16 -3.97 12.21 -10.24
C SER A 16 -2.66 11.67 -9.69
N ASP A 17 -2.71 10.80 -8.70
CA ASP A 17 -1.53 10.19 -8.12
C ASP A 17 -0.93 9.05 -8.93
N VAL A 18 -1.62 8.62 -9.99
CA VAL A 18 -1.18 7.50 -10.80
C VAL A 18 0.30 7.54 -11.19
N PRO A 19 0.89 8.71 -11.63
CA PRO A 19 2.31 8.71 -11.99
C PRO A 19 3.20 8.32 -10.81
N PHE A 20 2.83 8.73 -9.58
CA PHE A 20 3.63 8.42 -8.40
C PHE A 20 3.52 6.98 -8.03
N ILE A 21 2.29 6.44 -8.13
CA ILE A 21 2.07 5.00 -7.86
C ILE A 21 2.85 4.16 -8.86
N HIS A 22 2.80 4.54 -10.14
CA HIS A 22 3.53 3.85 -11.18
C HIS A 22 5.03 3.77 -10.86
N LYS A 23 5.60 4.95 -10.52
CA LYS A 23 7.04 5.05 -10.25
C LYS A 23 7.43 4.33 -8.95
N LEU A 24 6.56 4.38 -7.92
CA LEU A 24 6.83 3.61 -6.71
C LEU A 24 6.82 2.10 -6.97
N ILE A 25 5.84 1.63 -7.75
CA ILE A 25 5.81 0.22 -8.11
C ILE A 25 7.05 -0.18 -8.88
N HIS A 26 7.49 0.72 -9.78
CA HIS A 26 8.69 0.44 -10.52
C HIS A 26 9.92 0.37 -9.62
N GLN A 27 10.03 1.33 -8.70
CA GLN A 27 11.14 1.30 -7.75
C GLN A 27 11.14 0.11 -6.87
N MET A 28 9.92 -0.37 -6.51
CA MET A 28 9.78 -1.61 -5.72
C MET A 28 10.32 -2.79 -6.54
N ALA A 29 9.95 -2.84 -7.83
CA ALA A 29 10.46 -3.91 -8.70
C ALA A 29 11.99 -3.89 -8.81
N VAL A 30 12.54 -2.67 -8.95
CA VAL A 30 13.98 -2.50 -9.05
C VAL A 30 14.64 -2.96 -7.77
N PHE A 31 14.07 -2.55 -6.64
CA PHE A 31 14.58 -2.88 -5.33
C PHE A 31 14.70 -4.37 -5.13
N GLU A 32 13.63 -5.07 -5.56
CA GLU A 32 13.53 -6.53 -5.42
C GLU A 32 14.23 -7.35 -6.47
N ARG A 33 14.78 -6.69 -7.49
CA ARG A 33 15.38 -7.32 -8.68
C ARG A 33 14.32 -8.17 -9.41
N LEU A 34 13.15 -7.57 -9.57
CA LEU A 34 12.01 -8.22 -10.19
C LEU A 34 11.44 -7.41 -11.33
N THR A 35 12.29 -6.59 -11.95
N THR A 35 12.29 -6.56 -11.93
CA THR A 35 11.79 -5.71 -13.00
CA THR A 35 11.78 -5.68 -12.97
C THR A 35 11.29 -6.47 -14.23
C THR A 35 11.30 -6.46 -14.24
N HIS A 36 11.78 -7.70 -14.42
CA HIS A 36 11.30 -8.57 -15.48
C HIS A 36 9.80 -8.92 -15.35
N LEU A 37 9.24 -8.68 -14.16
CA LEU A 37 7.81 -8.86 -13.91
C LEU A 37 6.97 -7.61 -14.13
N PHE A 38 7.65 -6.46 -14.34
CA PHE A 38 6.94 -5.23 -14.40
C PHE A 38 6.38 -4.95 -15.80
N SER A 39 5.06 -4.85 -15.88
CA SER A 39 4.38 -4.45 -17.10
C SER A 39 3.33 -3.38 -16.81
N ALA A 40 3.36 -2.82 -15.60
CA ALA A 40 2.40 -1.82 -15.18
C ALA A 40 2.49 -0.59 -16.07
N THR A 41 1.37 0.02 -16.38
CA THR A 41 1.25 1.29 -17.10
C THR A 41 0.41 2.25 -16.30
N GLU A 42 0.60 3.56 -16.55
CA GLU A 42 -0.24 4.56 -15.95
C GLU A 42 -1.72 4.31 -16.35
N SER A 43 -1.96 4.05 -17.64
N SER A 43 -1.98 4.05 -17.63
CA SER A 43 -3.33 3.78 -18.11
CA SER A 43 -3.35 3.79 -18.07
C SER A 43 -3.94 2.57 -17.41
C SER A 43 -3.95 2.57 -17.38
N GLY A 44 -3.14 1.53 -17.22
CA GLY A 44 -3.58 0.35 -16.50
C GLY A 44 -3.97 0.64 -15.08
N LEU A 45 -3.11 1.38 -14.37
CA LEU A 45 -3.40 1.75 -12.99
C LEU A 45 -4.65 2.63 -12.92
N ALA A 46 -4.72 3.65 -13.81
CA ALA A 46 -5.79 4.60 -13.79
C ALA A 46 -7.16 3.91 -14.04
N SER A 47 -7.17 2.90 -14.90
CA SER A 47 -8.41 2.20 -15.27
C SER A 47 -8.80 1.10 -14.35
N THR A 48 -7.96 0.71 -13.39
CA THR A 48 -8.21 -0.40 -12.50
C THR A 48 -8.32 -0.06 -11.05
N LEU A 49 -7.53 0.92 -10.57
CA LEU A 49 -7.46 1.20 -9.16
C LEU A 49 -8.54 2.05 -8.56
N PHE A 50 -9.31 2.75 -9.41
CA PHE A 50 -10.23 3.76 -8.93
C PHE A 50 -11.69 3.58 -9.42
N THR A 51 -12.08 2.32 -9.63
CA THR A 51 -13.43 2.03 -10.11
C THR A 51 -14.45 2.03 -8.98
N SER A 52 -13.97 1.98 -7.73
CA SER A 52 -14.83 2.03 -6.54
C SER A 52 -14.34 3.10 -5.59
N ARG A 53 -15.12 3.30 -4.55
CA ARG A 53 -14.72 4.29 -3.53
C ARG A 53 -13.62 3.68 -2.67
N PRO A 54 -12.84 4.52 -1.97
CA PRO A 54 -11.84 3.99 -1.05
C PRO A 54 -12.48 3.00 -0.07
N PHE A 55 -11.72 1.95 0.23
CA PHE A 55 -12.09 0.94 1.22
C PHE A 55 -13.15 -0.05 0.73
N GLN A 56 -13.77 0.23 -0.42
CA GLN A 56 -14.71 -0.65 -1.05
C GLN A 56 -14.05 -1.61 -1.97
N SER A 57 -12.90 -1.24 -2.54
CA SER A 57 -12.05 -2.14 -3.34
C SER A 57 -10.63 -1.60 -3.17
N PHE A 58 -9.82 -1.77 -4.21
CA PHE A 58 -8.40 -1.37 -4.14
C PHE A 58 -8.27 0.04 -3.57
N THR A 59 -7.39 0.16 -2.58
CA THR A 59 -7.13 1.39 -1.91
C THR A 59 -5.62 1.56 -1.75
N VAL A 60 -5.16 2.81 -1.96
CA VAL A 60 -3.75 3.12 -1.79
C VAL A 60 -3.62 4.28 -0.80
N PHE A 61 -2.83 4.04 0.24
CA PHE A 61 -2.36 5.15 1.07
C PHE A 61 -0.97 5.56 0.57
N LEU A 62 -0.79 6.89 0.43
CA LEU A 62 0.50 7.46 0.09
C LEU A 62 1.12 8.11 1.32
N LEU A 63 2.41 7.79 1.54
CA LEU A 63 3.23 8.48 2.51
C LEU A 63 3.92 9.68 1.80
N GLU A 64 3.74 10.86 2.37
CA GLU A 64 4.42 12.07 1.92
C GLU A 64 5.22 12.60 3.06
N VAL A 65 6.31 13.32 2.71
CA VAL A 65 7.22 13.96 3.66
C VAL A 65 7.49 15.40 3.25
N SER A 66 7.84 16.18 4.27
CA SER A 66 8.13 17.60 4.07
C SER A 66 9.00 18.08 5.19
N ARG A 67 9.84 19.08 4.88
CA ARG A 67 10.59 19.81 5.94
C ARG A 67 9.70 20.84 6.64
N SER A 68 8.50 21.12 6.14
CA SER A 68 7.63 21.99 6.84
C SER A 68 6.32 21.27 7.17
N PRO A 69 5.53 21.80 8.11
CA PRO A 69 4.32 21.07 8.52
C PRO A 69 3.32 20.91 7.38
N PHE A 70 2.56 19.80 7.47
CA PHE A 70 1.44 19.58 6.62
C PHE A 70 0.23 20.34 7.15
N PRO A 71 -0.79 20.58 6.31
CA PRO A 71 -2.06 21.03 6.83
C PRO A 71 -2.63 19.98 7.81
N ALA A 72 -3.45 20.44 8.74
CA ALA A 72 -4.05 19.56 9.73
C ALA A 72 -5.08 18.58 9.17
N THR A 73 -5.70 18.93 8.04
CA THR A 73 -6.77 18.11 7.43
C THR A 73 -6.60 18.06 5.95
N ILE A 74 -7.42 17.20 5.33
CA ILE A 74 -7.66 17.21 3.92
C ILE A 74 -9.16 17.28 3.79
N THR A 75 -9.68 18.33 3.15
CA THR A 75 -11.09 18.56 3.00
C THR A 75 -11.69 17.89 1.77
N SER A 76 -10.82 17.47 0.84
CA SER A 76 -11.21 16.83 -0.42
C SER A 76 -10.94 15.31 -0.44
N SER A 77 -10.79 14.69 0.73
CA SER A 77 -10.51 13.25 0.75
C SER A 77 -11.66 12.50 0.08
N PRO A 78 -11.33 11.46 -0.72
CA PRO A 78 -12.35 10.69 -1.44
C PRO A 78 -13.15 9.73 -0.56
N SER A 79 -12.97 9.74 0.77
CA SER A 79 -13.84 8.98 1.68
C SER A 79 -14.20 9.84 2.88
N PRO A 80 -15.46 9.79 3.38
CA PRO A 80 -15.81 10.46 4.62
C PRO A 80 -15.32 9.73 5.88
N ASP A 81 -14.79 8.52 5.73
CA ASP A 81 -14.31 7.73 6.85
C ASP A 81 -12.82 7.81 7.07
N PHE A 82 -12.13 8.71 6.34
CA PHE A 82 -10.70 8.89 6.43
C PHE A 82 -10.30 10.32 6.79
N THR A 83 -9.45 10.43 7.80
CA THR A 83 -8.64 11.62 8.09
C THR A 83 -7.20 11.16 8.05
N PRO A 84 -6.28 12.02 7.59
CA PRO A 84 -4.90 11.59 7.43
C PRO A 84 -4.19 11.24 8.75
N PHE A 85 -3.11 10.50 8.63
CA PHE A 85 -2.25 10.16 9.74
C PHE A 85 -0.96 10.99 9.63
N PHE A 86 -0.36 11.30 10.77
CA PHE A 86 0.75 12.23 10.83
C PHE A 86 1.77 11.75 11.81
N LYS A 87 3.04 12.06 11.52
CA LYS A 87 4.10 11.92 12.48
C LYS A 87 5.22 12.93 12.19
N THR A 88 5.89 13.34 13.24
CA THR A 88 7.03 14.21 13.16
C THR A 88 8.22 13.40 13.56
N HIS A 89 9.28 13.49 12.73
CA HIS A 89 10.46 12.69 12.85
C HIS A 89 11.65 13.59 13.13
N ASN A 90 12.53 13.14 14.02
CA ASN A 90 13.75 13.86 14.33
C ASN A 90 14.92 13.13 13.68
N ILE A 95 18.89 15.50 3.98
CA ILE A 95 18.64 14.30 3.15
C ILE A 95 18.43 14.74 1.69
N ASP A 96 19.34 14.34 0.80
CA ASP A 96 19.25 14.70 -0.64
C ASP A 96 18.23 13.77 -1.31
N ASP A 97 17.42 14.33 -2.20
CA ASP A 97 16.34 13.53 -2.87
C ASP A 97 16.38 13.83 -4.36
N PRO A 98 17.28 13.18 -5.13
CA PRO A 98 17.43 13.48 -6.54
C PRO A 98 16.20 13.19 -7.38
N GLU A 99 15.32 12.32 -6.89
CA GLU A 99 14.08 11.97 -7.65
C GLU A 99 12.92 12.85 -7.18
N SER A 100 13.17 13.86 -6.34
CA SER A 100 12.05 14.64 -5.75
C SER A 100 11.09 15.16 -6.82
N TYR A 101 11.61 15.64 -7.96
CA TYR A 101 10.80 16.27 -9.01
C TYR A 101 9.86 15.25 -9.65
N ASN A 102 10.15 13.95 -9.56
CA ASN A 102 9.26 12.92 -10.05
C ASN A 102 8.20 12.53 -9.06
N PHE A 103 8.27 13.03 -7.85
CA PHE A 103 7.41 12.64 -6.73
C PHE A 103 6.69 13.77 -6.02
N SER A 104 6.56 14.92 -6.68
CA SER A 104 5.92 16.09 -6.06
C SER A 104 4.53 16.28 -6.67
N PRO A 105 3.43 16.05 -5.89
CA PRO A 105 2.10 16.19 -6.47
C PRO A 105 1.70 17.62 -6.82
N ASP A 106 2.34 18.61 -6.16
CA ASP A 106 2.18 20.04 -6.51
C ASP A 106 3.60 20.56 -6.66
N MET A 107 3.96 20.84 -7.89
CA MET A 107 5.38 21.08 -8.16
C MET A 107 5.97 22.20 -7.27
N LEU A 108 5.16 23.24 -6.96
CA LEU A 108 5.62 24.38 -6.18
C LEU A 108 5.68 24.19 -4.66
N ASN A 109 4.99 23.17 -4.15
CA ASN A 109 4.91 22.90 -2.74
C ASN A 109 6.04 21.98 -2.30
N ASP A 110 6.52 22.17 -1.06
CA ASP A 110 7.65 21.41 -0.55
C ASP A 110 7.34 20.06 0.07
N VAL A 111 6.62 19.23 -0.72
CA VAL A 111 6.10 17.92 -0.30
C VAL A 111 6.43 16.94 -1.40
N VAL A 112 6.92 15.75 -0.97
CA VAL A 112 7.19 14.68 -1.90
C VAL A 112 6.58 13.36 -1.38
N VAL A 113 6.19 12.53 -2.33
CA VAL A 113 5.74 11.18 -2.08
C VAL A 113 6.95 10.32 -1.77
N ALA A 114 6.90 9.58 -0.66
CA ALA A 114 7.96 8.74 -0.17
C ALA A 114 7.68 7.24 -0.19
N GLY A 115 6.40 6.87 -0.26
CA GLY A 115 6.04 5.46 -0.19
C GLY A 115 4.58 5.25 -0.31
N PHE A 116 4.19 3.95 -0.33
CA PHE A 116 2.78 3.57 -0.47
C PHE A 116 2.50 2.26 0.20
N VAL A 117 1.18 2.08 0.42
CA VAL A 117 0.62 0.74 0.83
C VAL A 117 -0.61 0.48 -0.05
N LEU A 118 -0.60 -0.67 -0.75
N LEU A 118 -0.60 -0.67 -0.75
CA LEU A 118 -1.77 -1.06 -1.61
CA LEU A 118 -1.77 -1.06 -1.61
C LEU A 118 -2.54 -2.19 -0.90
C LEU A 118 -2.54 -2.19 -0.90
N PHE A 119 -3.80 -1.93 -0.61
CA PHE A 119 -4.61 -2.93 0.13
C PHE A 119 -6.01 -2.95 -0.47
N PHE A 120 -6.76 -3.97 -0.02
CA PHE A 120 -8.15 -4.11 -0.51
C PHE A 120 -8.92 -4.91 0.55
N PRO A 121 -10.26 -4.81 0.49
CA PRO A 121 -11.07 -5.55 1.45
C PRO A 121 -11.12 -7.05 1.24
N ASN A 122 -10.91 -7.77 2.32
CA ASN A 122 -11.15 -9.20 2.30
C ASN A 122 -12.36 -9.44 3.20
N TYR A 123 -12.70 -10.71 3.45
CA TYR A 123 -13.97 -10.98 4.13
C TYR A 123 -13.88 -12.23 5.01
N SER A 124 -14.47 -12.13 6.19
N SER A 124 -14.51 -12.15 6.17
CA SER A 124 -14.70 -13.29 7.02
CA SER A 124 -14.67 -13.25 7.08
C SER A 124 -16.18 -13.68 6.96
C SER A 124 -16.16 -13.71 7.01
N SER A 125 -16.43 -14.79 6.26
CA SER A 125 -17.78 -15.34 6.13
C SER A 125 -18.43 -15.60 7.49
N PHE A 126 -17.66 -16.20 8.39
CA PHE A 126 -18.18 -16.56 9.68
C PHE A 126 -18.60 -15.38 10.53
N LEU A 127 -17.98 -14.19 10.31
CA LEU A 127 -18.34 -13.00 11.04
C LEU A 127 -19.27 -12.07 10.31
N SER A 128 -19.51 -12.34 9.03
CA SER A 128 -20.13 -11.41 8.10
C SER A 128 -19.55 -10.01 8.23
N LYS A 129 -18.20 -9.95 8.17
CA LYS A 129 -17.49 -8.73 8.40
C LYS A 129 -16.31 -8.63 7.43
N PRO A 130 -16.13 -7.46 6.77
CA PRO A 130 -14.93 -7.22 5.97
C PRO A 130 -13.69 -7.03 6.85
N GLY A 131 -12.55 -7.30 6.22
CA GLY A 131 -11.23 -6.97 6.75
C GLY A 131 -10.44 -6.29 5.63
N PHE A 132 -9.16 -6.00 5.91
CA PHE A 132 -8.26 -5.56 4.86
C PHE A 132 -7.16 -6.58 4.68
N TYR A 133 -6.77 -6.74 3.42
CA TYR A 133 -5.58 -7.49 3.00
C TYR A 133 -4.55 -6.48 2.44
N ILE A 134 -3.33 -6.56 2.96
CA ILE A 134 -2.25 -5.68 2.46
C ILE A 134 -1.46 -6.45 1.44
N GLU A 135 -1.45 -5.94 0.20
CA GLU A 135 -0.72 -6.55 -0.89
C GLU A 135 0.75 -6.11 -1.00
N ASP A 136 0.98 -4.81 -0.92
CA ASP A 136 2.34 -4.22 -1.04
C ASP A 136 2.51 -3.06 -0.12
N ILE A 137 3.71 -2.98 0.47
CA ILE A 137 4.24 -1.77 1.13
C ILE A 137 5.60 -1.49 0.53
N PHE A 138 5.84 -0.23 0.13
CA PHE A 138 7.19 0.16 -0.34
C PHE A 138 7.47 1.58 0.05
N VAL A 139 8.69 1.79 0.56
CA VAL A 139 9.26 3.10 0.89
C VAL A 139 10.52 3.28 0.03
N ARG A 140 10.54 4.38 -0.70
CA ARG A 140 11.68 4.62 -1.63
C ARG A 140 12.87 5.22 -0.87
N GLU A 141 14.04 4.96 -1.41
CA GLU A 141 15.18 5.83 -1.09
C GLU A 141 14.86 7.29 -1.44
N PRO A 142 15.30 8.31 -0.67
CA PRO A 142 16.15 8.21 0.52
C PRO A 142 15.43 8.13 1.88
N TYR A 143 14.25 7.46 1.92
CA TYR A 143 13.42 7.47 3.15
C TYR A 143 13.35 6.10 3.79
N ARG A 144 14.26 5.22 3.44
CA ARG A 144 14.31 3.90 4.05
C ARG A 144 15.00 3.99 5.39
N ARG A 145 14.97 2.94 6.20
CA ARG A 145 15.62 2.85 7.52
C ARG A 145 15.12 3.94 8.47
N LYS A 146 13.85 4.31 8.35
CA LYS A 146 13.25 5.31 9.19
C LYS A 146 11.94 4.86 9.87
N GLY A 147 11.58 3.59 9.65
CA GLY A 147 10.35 3.01 10.23
C GLY A 147 9.10 3.32 9.44
N PHE A 148 9.21 3.78 8.20
CA PHE A 148 8.04 4.21 7.47
C PHE A 148 7.18 3.04 6.93
N GLY A 149 7.81 1.90 6.72
CA GLY A 149 7.06 0.69 6.33
C GLY A 149 6.09 0.32 7.44
N SER A 150 6.58 0.29 8.67
CA SER A 150 5.77 0.10 9.86
C SER A 150 4.68 1.11 9.98
N MET A 151 4.99 2.37 9.71
CA MET A 151 3.98 3.41 9.80
C MET A 151 2.83 3.14 8.82
N LEU A 152 3.14 2.74 7.62
CA LEU A 152 2.15 2.42 6.60
C LEU A 152 1.27 1.24 7.04
N LEU A 153 1.89 0.22 7.58
CA LEU A 153 1.12 -0.94 8.08
C LEU A 153 0.20 -0.53 9.22
N THR A 154 0.72 0.31 10.12
CA THR A 154 -0.04 0.82 11.24
C THR A 154 -1.23 1.64 10.76
N ALA A 155 -1.08 2.40 9.70
CA ALA A 155 -2.15 3.20 9.18
C ALA A 155 -3.33 2.27 8.74
N VAL A 156 -2.99 1.22 8.03
CA VAL A 156 -4.04 0.27 7.59
C VAL A 156 -4.74 -0.32 8.82
N ALA A 157 -3.98 -0.80 9.80
CA ALA A 157 -4.56 -1.33 11.03
C ALA A 157 -5.47 -0.33 11.71
N LYS A 158 -5.03 0.91 11.86
CA LYS A 158 -5.82 1.90 12.49
C LYS A 158 -7.10 2.18 11.70
N GLN A 159 -7.01 2.18 10.39
CA GLN A 159 -8.19 2.41 9.55
C GLN A 159 -9.21 1.28 9.72
N ALA A 160 -8.71 0.06 9.80
CA ALA A 160 -9.60 -1.09 10.07
C ALA A 160 -10.34 -0.90 11.36
N VAL A 161 -9.64 -0.51 12.45
CA VAL A 161 -10.29 -0.30 13.72
C VAL A 161 -11.35 0.79 13.63
N LYS A 162 -11.02 1.90 13.01
CA LYS A 162 -11.98 3.01 12.92
C LYS A 162 -13.25 2.58 12.17
N MET A 163 -13.10 1.67 11.23
CA MET A 163 -14.25 1.28 10.37
C MET A 163 -14.97 0.03 10.93
N GLY A 164 -14.45 -0.54 12.00
CA GLY A 164 -15.05 -1.77 12.57
C GLY A 164 -14.78 -3.00 11.74
N TYR A 165 -13.72 -3.00 10.95
CA TYR A 165 -13.34 -4.19 10.14
C TYR A 165 -12.75 -5.21 11.08
N GLY A 166 -12.80 -6.48 10.70
CA GLY A 166 -12.46 -7.52 11.69
C GLY A 166 -11.06 -8.04 11.68
N ARG A 167 -10.34 -7.82 10.59
CA ARG A 167 -9.00 -8.41 10.48
C ARG A 167 -8.14 -7.63 9.49
N VAL A 168 -6.83 -7.62 9.72
CA VAL A 168 -5.92 -7.16 8.68
C VAL A 168 -5.00 -8.34 8.45
N GLU A 169 -4.77 -8.67 7.19
CA GLU A 169 -3.93 -9.80 6.84
C GLU A 169 -2.91 -9.39 5.77
N TRP A 170 -1.88 -10.21 5.65
CA TRP A 170 -0.80 -10.03 4.70
C TRP A 170 0.01 -11.33 4.69
N VAL A 171 1.02 -11.41 3.83
CA VAL A 171 1.91 -12.53 3.80
C VAL A 171 3.31 -12.12 4.15
N VAL A 172 4.08 -13.10 4.59
CA VAL A 172 5.49 -12.87 4.96
C VAL A 172 6.30 -14.08 4.48
N LEU A 173 7.54 -13.89 4.06
CA LEU A 173 8.43 -15.02 3.68
C LEU A 173 8.74 -15.84 4.92
N ASP A 174 8.69 -17.16 4.79
N ASP A 174 8.70 -17.17 4.79
CA ASP A 174 8.90 -18.07 5.97
CA ASP A 174 8.89 -18.06 5.96
C ASP A 174 10.26 -17.80 6.62
C ASP A 174 10.26 -17.80 6.62
N TRP A 175 11.27 -17.46 5.81
CA TRP A 175 12.65 -17.23 6.35
C TRP A 175 12.83 -15.79 6.89
N ASN A 176 11.84 -14.93 6.78
CA ASN A 176 11.98 -13.49 7.22
C ASN A 176 11.76 -13.44 8.73
N VAL A 177 12.73 -13.93 9.47
CA VAL A 177 12.57 -14.14 10.89
C VAL A 177 12.39 -12.82 11.61
N ASN A 178 13.13 -11.77 11.18
CA ASN A 178 12.99 -10.45 11.82
C ASN A 178 11.57 -9.89 11.64
N ALA A 179 11.03 -9.98 10.42
CA ALA A 179 9.66 -9.48 10.18
C ALA A 179 8.62 -10.31 10.96
N ILE A 180 8.82 -11.64 10.99
CA ILE A 180 7.91 -12.50 11.74
C ILE A 180 7.88 -12.12 13.20
N LYS A 181 9.06 -11.85 13.79
CA LYS A 181 9.13 -11.41 15.20
C LYS A 181 8.41 -10.07 15.38
N PHE A 182 8.67 -9.13 14.46
CA PHE A 182 8.00 -7.86 14.51
C PHE A 182 6.47 -7.99 14.43
N TYR A 183 6.00 -8.81 13.51
CA TYR A 183 4.53 -9.04 13.41
C TYR A 183 3.98 -9.66 14.70
N GLU A 184 4.70 -10.62 15.26
CA GLU A 184 4.26 -11.22 16.51
C GLU A 184 4.24 -10.24 17.66
N GLN A 185 5.23 -9.32 17.69
CA GLN A 185 5.29 -8.29 18.70
C GLN A 185 4.09 -7.36 18.64
N MET A 186 3.56 -7.16 17.44
CA MET A 186 2.38 -6.34 17.17
C MET A 186 1.07 -7.10 17.58
N GLY A 187 1.20 -8.37 17.91
CA GLY A 187 0.06 -9.24 18.26
C GLY A 187 -0.54 -10.00 17.10
N ALA A 188 0.09 -9.97 15.93
CA ALA A 188 -0.33 -10.77 14.80
C ALA A 188 0.09 -12.20 14.97
N GLN A 189 -0.64 -13.10 14.30
CA GLN A 189 -0.32 -14.52 14.27
C GLN A 189 0.08 -14.95 12.91
N ILE A 190 1.12 -15.79 12.84
CA ILE A 190 1.54 -16.43 11.61
C ILE A 190 0.79 -17.75 11.53
N LEU A 191 0.03 -17.91 10.45
CA LEU A 191 -0.81 -19.11 10.29
C LEU A 191 -0.04 -20.17 9.57
N GLN A 192 0.53 -21.12 10.32
CA GLN A 192 1.48 -22.07 9.78
C GLN A 192 0.91 -23.10 8.83
N GLU A 193 -0.41 -23.34 8.87
CA GLU A 193 -0.99 -24.44 8.10
C GLU A 193 -1.35 -24.12 6.67
N TRP A 194 -1.49 -22.85 6.30
CA TRP A 194 -1.97 -22.46 5.02
C TRP A 194 -0.83 -22.24 4.02
N ARG A 195 -1.09 -22.53 2.75
CA ARG A 195 -0.20 -22.20 1.61
C ARG A 195 -1.02 -21.51 0.53
N VAL A 196 -0.42 -20.48 -0.05
CA VAL A 196 -1.08 -19.79 -1.14
C VAL A 196 -0.93 -20.62 -2.43
N CYS A 197 -2.04 -20.69 -3.18
N CYS A 197 -2.03 -20.64 -3.19
CA CYS A 197 -2.09 -21.28 -4.52
CA CYS A 197 -2.14 -21.29 -4.48
C CYS A 197 -2.41 -20.22 -5.51
C CYS A 197 -2.43 -20.22 -5.51
N ARG A 198 -1.77 -20.31 -6.63
CA ARG A 198 -1.92 -19.31 -7.72
C ARG A 198 -2.15 -19.94 -9.10
N LEU A 199 -3.20 -19.50 -9.79
CA LEU A 199 -3.49 -19.92 -11.14
C LEU A 199 -3.36 -18.66 -12.00
N THR A 200 -2.49 -18.74 -13.00
CA THR A 200 -2.16 -17.60 -13.81
C THR A 200 -1.68 -18.05 -15.18
N GLY A 201 -1.40 -17.07 -16.02
CA GLY A 201 -0.83 -17.32 -17.32
C GLY A 201 -1.63 -18.24 -18.22
N ASP A 202 -0.91 -19.10 -18.96
CA ASP A 202 -1.55 -20.01 -19.90
C ASP A 202 -2.45 -21.00 -19.17
N ALA A 203 -2.04 -21.41 -17.95
CA ALA A 203 -2.82 -22.35 -17.14
C ALA A 203 -4.21 -21.74 -16.83
N LEU A 204 -4.21 -20.46 -16.46
CA LEU A 204 -5.48 -19.74 -16.25
C LEU A 204 -6.30 -19.62 -17.55
N GLU A 205 -5.66 -19.19 -18.63
CA GLU A 205 -6.31 -18.97 -19.91
C GLU A 205 -6.98 -20.21 -20.48
N ALA A 206 -6.40 -21.39 -20.17
CA ALA A 206 -6.97 -22.67 -20.59
C ALA A 206 -8.38 -22.91 -20.11
N PHE A 207 -8.78 -22.23 -19.02
CA PHE A 207 -10.15 -22.35 -18.50
C PHE A 207 -11.19 -21.83 -19.47
N ASP A 208 -10.78 -21.02 -20.44
CA ASP A 208 -11.68 -20.59 -21.49
C ASP A 208 -12.28 -21.75 -22.27
N GLN A 209 -11.54 -22.87 -22.31
CA GLN A 209 -11.94 -24.07 -23.03
C GLN A 209 -12.90 -24.99 -22.26
N VAL A 210 -13.06 -24.78 -20.96
CA VAL A 210 -13.91 -25.63 -20.13
C VAL A 210 -15.40 -25.35 -20.45
N ASN A 211 -16.11 -26.41 -20.81
CA ASN A 211 -17.48 -26.31 -21.32
C ASN A 211 -18.56 -26.25 -20.22
N ILE A 212 -18.61 -25.15 -19.47
CA ILE A 212 -19.76 -24.77 -18.61
C ILE A 212 -20.36 -23.35 -18.90
C1 PGE B . 5.00 7.96 18.05
O1 PGE B . 5.62 6.87 18.69
C2 PGE B . 3.59 7.66 17.60
O2 PGE B . 3.50 6.35 17.06
C3 PGE B . 4.30 6.18 15.90
C4 PGE B . 3.88 5.00 15.10
O4 PGE B . 7.84 5.78 13.21
C6 PGE B . 6.71 5.04 12.75
C5 PGE B . 5.88 4.48 13.88
O3 PGE B . 4.55 4.99 13.83
C1 PEG C . -7.80 -27.44 -16.02
O1 PEG C . -8.73 -28.35 -15.48
C2 PEG C . -8.43 -26.52 -17.00
O2 PEG C . -8.58 -27.18 -18.25
C3 PEG C . -8.73 -26.26 -19.31
C4 PEG C . -8.63 -26.94 -20.62
O4 PEG C . -7.46 -27.70 -20.73
H11 PEG C . -7.08 -27.93 -16.47
H12 PEG C . -7.41 -26.91 -15.29
HO1 PEG C . -9.43 -27.92 -15.26
H21 PEG C . -7.87 -25.72 -17.11
H22 PEG C . -9.31 -26.24 -16.67
H31 PEG C . -8.03 -25.58 -19.24
H32 PEG C . -9.60 -25.81 -19.23
H41 PEG C . -8.66 -26.28 -21.34
H42 PEG C . -9.41 -27.53 -20.73
HO4 PEG C . -6.98 -27.55 -20.06
#